data_2DCC
#
_entry.id   2DCC
#
_cell.length_a   72.320
_cell.length_b   72.320
_cell.length_c   139.820
_cell.angle_alpha   90.00
_cell.angle_beta   90.00
_cell.angle_gamma   90.00
#
_symmetry.space_group_name_H-M   'P 43 21 2'
#
loop_
_entity.id
_entity.type
_entity.pdbx_description
1 polymer 'CATHEPSIN B'
2 non-polymer 'PHOSPHATE ION'
3 non-polymer 'BENZYL N-({(2S,3S)-3-[(BENZYLAMINO)CARBONYL]OXIRAN-2-YL}CARBONYL)-L-ISOLEUCYL-L-PROLINATE'
4 non-polymer GLYCEROL
5 water water
#
_entity_poly.entity_id   1
_entity_poly.type   'polypeptide(L)'
_entity_poly.pdbx_seq_one_letter_code
;LPESFDAREQWPNCPTIKEIRDQGSCGSCWAFGAVEAISDRICIHSNGRVNVEVSAEDMLTCCGGECGDGCNGGFPSGAW
NFWTKKGLVSGGLYNSHVGCRPYSIPPCEHHVNGSRPPCTGEGDTPKCSKTCEPGYSPSYKEDKHFGCSSYSVANNEKEI
MAEIYKNGPVEGAFSVYSDFLLYKSGVYQHVSGEIMGGHAIRILGWGVENGTPYWLVGNSWNTDWGDNGFFKILRGQDHC
GIESEIVAGMPCTHQY
;
_entity_poly.pdbx_strand_id   A
#
loop_
_chem_comp.id
_chem_comp.type
_chem_comp.name
_chem_comp.formula
77B non-polymer 'BENZYL N-({(2S,3S)-3-[(BENZYLAMINO)CARBONYL]OXIRAN-2-YL}CARBONYL)-L-ISOLEUCYL-L-PROLINATE' 'C29 H35 N3 O6'
GOL non-polymer GLYCEROL 'C3 H8 O3'
PO4 non-polymer 'PHOSPHATE ION' 'O4 P -3'
#
# COMPACT_ATOMS: atom_id res chain seq x y z
N LEU A 1 -11.17 0.07 -22.55
CA LEU A 1 -10.84 -0.62 -21.27
C LEU A 1 -11.93 -1.62 -20.92
N PRO A 2 -11.55 -2.75 -20.31
CA PRO A 2 -12.51 -3.80 -19.93
C PRO A 2 -13.44 -3.36 -18.80
N GLU A 3 -14.57 -4.06 -18.67
CA GLU A 3 -15.54 -3.75 -17.63
C GLU A 3 -14.98 -4.08 -16.25
N SER A 4 -14.07 -5.04 -16.20
CA SER A 4 -13.45 -5.44 -14.95
C SER A 4 -11.96 -5.68 -15.19
N PHE A 5 -11.17 -5.59 -14.13
CA PHE A 5 -9.73 -5.82 -14.23
C PHE A 5 -9.17 -6.13 -12.85
N ASP A 6 -8.44 -7.24 -12.75
CA ASP A 6 -7.85 -7.66 -11.48
C ASP A 6 -6.36 -7.89 -11.74
N ALA A 7 -5.53 -7.00 -11.21
CA ALA A 7 -4.08 -7.11 -11.40
C ALA A 7 -3.54 -8.47 -10.95
N ARG A 8 -4.20 -9.08 -9.98
CA ARG A 8 -3.77 -10.39 -9.48
C ARG A 8 -3.84 -11.47 -10.57
N GLU A 9 -4.87 -11.40 -11.40
CA GLU A 9 -5.06 -12.37 -12.47
C GLU A 9 -4.30 -12.01 -13.75
N GLN A 10 -4.11 -10.71 -13.99
CA GLN A 10 -3.42 -10.24 -15.19
C GLN A 10 -1.90 -10.42 -15.13
N TRP A 11 -1.35 -10.41 -13.92
CA TRP A 11 0.09 -10.61 -13.75
C TRP A 11 0.33 -11.74 -12.74
N PRO A 12 0.03 -12.99 -13.16
CA PRO A 12 0.18 -14.21 -12.35
C PRO A 12 1.59 -14.44 -11.82
N ASN A 13 2.58 -13.88 -12.51
CA ASN A 13 3.97 -14.07 -12.09
C ASN A 13 4.45 -13.08 -11.05
N CYS A 14 3.52 -12.27 -10.54
CA CYS A 14 3.85 -11.28 -9.52
C CYS A 14 2.98 -11.51 -8.29
N PRO A 15 3.40 -12.46 -7.44
CA PRO A 15 2.65 -12.78 -6.22
C PRO A 15 2.47 -11.67 -5.19
N THR A 16 3.31 -10.64 -5.21
CA THR A 16 3.13 -9.57 -4.23
C THR A 16 1.80 -8.86 -4.45
N ILE A 17 1.30 -8.92 -5.69
CA ILE A 17 0.04 -8.29 -6.04
C ILE A 17 -1.11 -8.86 -5.20
N LYS A 18 -1.01 -10.14 -4.86
CA LYS A 18 -2.02 -10.85 -4.08
C LYS A 18 -1.83 -10.70 -2.57
N GLU A 19 -0.65 -10.23 -2.17
CA GLU A 19 -0.32 -10.06 -0.75
C GLU A 19 -1.04 -8.96 0.01
N ILE A 20 -1.26 -9.20 1.30
CA ILE A 20 -1.85 -8.23 2.19
C ILE A 20 -0.91 -8.14 3.38
N ARG A 21 -0.47 -6.94 3.71
CA ARG A 21 0.45 -6.75 4.82
C ARG A 21 -0.29 -6.20 6.04
N ASP A 22 0.45 -5.97 7.12
CA ASP A 22 -0.11 -5.44 8.35
C ASP A 22 0.79 -4.33 8.87
N GLN A 23 0.30 -3.10 8.82
CA GLN A 23 1.05 -1.93 9.26
C GLN A 23 1.24 -1.88 10.79
N GLY A 24 0.51 -2.74 11.50
CA GLY A 24 0.62 -2.76 12.95
C GLY A 24 0.05 -1.51 13.60
N SER A 25 0.45 -1.25 14.84
CA SER A 25 -0.02 -0.08 15.58
C SER A 25 0.88 1.10 15.25
N CYS A 26 0.71 1.63 14.04
CA CYS A 26 1.51 2.75 13.54
C CYS A 26 0.78 3.32 12.32
N GLY A 27 0.65 4.64 12.25
CA GLY A 27 -0.03 5.27 11.14
C GLY A 27 0.84 5.33 9.90
N SER A 28 1.28 4.17 9.44
CA SER A 28 2.15 4.10 8.28
C SER A 28 1.48 3.68 6.97
N CYS A 29 0.17 3.89 6.86
CA CYS A 29 -0.52 3.51 5.63
C CYS A 29 0.11 4.14 4.40
N TRP A 30 0.56 5.39 4.54
CA TRP A 30 1.18 6.10 3.42
C TRP A 30 2.38 5.31 2.86
N ALA A 31 3.16 4.74 3.76
CA ALA A 31 4.34 3.96 3.39
C ALA A 31 3.94 2.60 2.83
N PHE A 32 2.95 1.97 3.44
CA PHE A 32 2.52 0.65 2.96
C PHE A 32 1.89 0.67 1.58
N GLY A 33 0.98 1.60 1.33
CA GLY A 33 0.36 1.65 0.02
C GLY A 33 1.43 1.80 -1.03
N ALA A 34 2.47 2.55 -0.70
CA ALA A 34 3.58 2.80 -1.62
C ALA A 34 4.47 1.58 -1.87
N VAL A 35 5.05 1.02 -0.80
CA VAL A 35 5.95 -0.12 -0.97
C VAL A 35 5.25 -1.33 -1.57
N GLU A 36 3.96 -1.47 -1.31
CA GLU A 36 3.20 -2.59 -1.85
C GLU A 36 3.08 -2.44 -3.37
N ALA A 37 2.64 -1.26 -3.80
CA ALA A 37 2.48 -0.99 -5.24
C ALA A 37 3.84 -1.01 -5.94
N ILE A 38 4.87 -0.54 -5.24
CA ILE A 38 6.21 -0.52 -5.81
C ILE A 38 6.71 -1.96 -5.98
N SER A 39 6.41 -2.82 -5.01
CA SER A 39 6.82 -4.21 -5.11
C SER A 39 6.15 -4.81 -6.35
N ASP A 40 4.87 -4.50 -6.54
CA ASP A 40 4.13 -5.01 -7.69
C ASP A 40 4.76 -4.55 -9.01
N ARG A 41 5.04 -3.25 -9.10
CA ARG A 41 5.61 -2.68 -10.30
C ARG A 41 7.02 -3.12 -10.64
N ILE A 42 7.83 -3.40 -9.61
CA ILE A 42 9.18 -3.86 -9.86
C ILE A 42 9.08 -5.23 -10.55
N CYS A 43 8.13 -6.05 -10.11
CA CYS A 43 7.94 -7.36 -10.72
C CYS A 43 7.36 -7.21 -12.12
N ILE A 44 6.37 -6.35 -12.27
CA ILE A 44 5.72 -6.14 -13.56
C ILE A 44 6.70 -5.57 -14.61
N HIS A 45 7.49 -4.58 -14.21
CA HIS A 45 8.42 -3.97 -15.15
C HIS A 45 9.87 -4.43 -14.97
N SER A 46 10.08 -5.71 -15.23
CA SER A 46 11.38 -6.38 -15.17
C SER A 46 11.09 -7.86 -15.03
N ASN A 47 9.99 -8.29 -15.63
CA ASN A 47 9.57 -9.69 -15.60
C ASN A 47 9.83 -10.36 -16.94
N VAL A 50 12.23 -9.32 -11.72
CA VAL A 50 12.68 -9.77 -10.40
C VAL A 50 11.60 -9.56 -9.36
N ASN A 51 11.61 -10.41 -8.33
CA ASN A 51 10.62 -10.30 -7.26
C ASN A 51 11.25 -9.78 -5.98
N VAL A 52 10.76 -8.65 -5.51
CA VAL A 52 11.29 -8.05 -4.30
C VAL A 52 10.22 -7.57 -3.33
N GLU A 53 10.33 -7.99 -2.09
CA GLU A 53 9.42 -7.54 -1.05
C GLU A 53 10.03 -6.22 -0.63
N VAL A 54 9.50 -5.12 -1.13
CA VAL A 54 10.04 -3.81 -0.78
C VAL A 54 9.78 -3.51 0.70
N SER A 55 10.82 -3.05 1.38
CA SER A 55 10.76 -2.75 2.81
C SER A 55 9.91 -1.57 3.24
N ALA A 56 8.84 -1.86 3.97
CA ALA A 56 7.99 -0.80 4.49
C ALA A 56 8.81 -0.09 5.57
N GLU A 57 9.68 -0.86 6.23
CA GLU A 57 10.53 -0.32 7.30
C GLU A 57 11.45 0.77 6.76
N ASP A 58 12.08 0.52 5.63
CA ASP A 58 13.00 1.47 5.03
C ASP A 58 12.25 2.77 4.69
N MET A 59 11.09 2.63 4.06
CA MET A 59 10.29 3.79 3.68
C MET A 59 9.85 4.55 4.93
N LEU A 60 9.21 3.83 5.84
CA LEU A 60 8.68 4.38 7.08
C LEU A 60 9.71 5.13 7.92
N THR A 61 10.89 4.53 8.09
CA THR A 61 11.92 5.13 8.95
C THR A 61 12.94 6.07 8.35
N CYS A 62 13.33 5.86 7.09
CA CYS A 62 14.36 6.71 6.51
C CYS A 62 13.97 7.85 5.60
N CYS A 63 12.72 7.93 5.16
CA CYS A 63 12.37 9.03 4.27
C CYS A 63 12.48 10.38 4.97
N GLY A 64 11.95 10.47 6.19
CA GLY A 64 12.02 11.71 6.92
C GLY A 64 10.93 12.71 6.54
N GLY A 65 11.20 13.98 6.80
CA GLY A 65 10.24 15.03 6.53
C GLY A 65 9.65 15.08 5.13
N GLU A 66 10.44 14.73 4.13
CA GLU A 66 9.97 14.76 2.74
C GLU A 66 8.69 13.92 2.56
N CYS A 67 8.50 12.92 3.41
CA CYS A 67 7.32 12.06 3.34
C CYS A 67 6.30 12.35 4.42
N GLY A 68 6.62 13.25 5.33
CA GLY A 68 5.68 13.55 6.39
C GLY A 68 6.20 13.29 7.78
N ASP A 69 5.48 12.47 8.56
CA ASP A 69 5.86 12.22 9.94
C ASP A 69 5.83 10.76 10.43
N GLY A 70 6.45 9.85 9.69
CA GLY A 70 6.49 8.46 10.10
C GLY A 70 5.19 7.82 10.56
N CYS A 71 5.17 7.30 11.79
CA CYS A 71 3.96 6.67 12.30
C CYS A 71 2.83 7.64 12.58
N ASN A 72 3.10 8.93 12.43
CA ASN A 72 2.07 9.94 12.66
C ASN A 72 1.40 10.34 11.35
N GLY A 73 1.72 9.61 10.28
CA GLY A 73 1.12 9.91 8.99
C GLY A 73 2.13 10.46 7.99
N GLY A 74 1.82 10.30 6.70
CA GLY A 74 2.72 10.79 5.68
C GLY A 74 2.04 11.10 4.35
N PHE A 75 2.84 11.45 3.35
CA PHE A 75 2.31 11.81 2.05
C PHE A 75 2.70 10.81 0.96
N PRO A 76 1.70 10.13 0.38
CA PRO A 76 1.95 9.15 -0.68
C PRO A 76 2.93 9.62 -1.76
N SER A 77 2.70 10.79 -2.36
CA SER A 77 3.60 11.26 -3.40
C SER A 77 5.02 11.41 -2.86
N GLY A 78 5.14 11.78 -1.59
CA GLY A 78 6.47 11.92 -1.01
C GLY A 78 7.16 10.57 -0.94
N ALA A 79 6.39 9.51 -0.68
CA ALA A 79 6.94 8.18 -0.59
C ALA A 79 7.52 7.72 -1.92
N TRP A 80 6.80 7.93 -3.02
CA TRP A 80 7.31 7.53 -4.31
C TRP A 80 8.54 8.35 -4.69
N ASN A 81 8.61 9.58 -4.19
CA ASN A 81 9.79 10.43 -4.45
C ASN A 81 11.02 9.80 -3.80
N PHE A 82 10.84 9.32 -2.58
CA PHE A 82 11.93 8.69 -1.84
C PHE A 82 12.48 7.49 -2.62
N TRP A 83 11.57 6.76 -3.27
CA TRP A 83 11.95 5.60 -4.06
C TRP A 83 12.86 6.02 -5.22
N THR A 84 12.59 7.17 -5.81
CA THR A 84 13.40 7.65 -6.92
C THR A 84 14.69 8.32 -6.46
N LYS A 85 14.67 8.95 -5.28
CA LYS A 85 15.84 9.66 -4.79
C LYS A 85 16.84 8.81 -3.99
N LYS A 86 16.36 8.09 -2.99
CA LYS A 86 17.22 7.26 -2.16
C LYS A 86 17.08 5.77 -2.44
N GLY A 87 15.99 5.39 -3.09
CA GLY A 87 15.77 3.98 -3.38
C GLY A 87 15.24 3.26 -2.14
N LEU A 88 14.85 2.00 -2.31
CA LEU A 88 14.33 1.21 -1.19
C LEU A 88 14.95 -0.18 -1.17
N VAL A 89 15.33 -0.64 0.03
CA VAL A 89 15.90 -1.97 0.17
C VAL A 89 14.76 -2.98 0.32
N SER A 90 15.11 -4.26 0.35
CA SER A 90 14.12 -5.32 0.52
C SER A 90 13.80 -5.51 2.00
N GLY A 91 12.69 -6.17 2.29
CA GLY A 91 12.29 -6.40 3.66
C GLY A 91 10.88 -6.94 3.72
N GLY A 92 10.71 -8.11 4.33
CA GLY A 92 9.40 -8.72 4.41
C GLY A 92 8.60 -8.42 5.68
N LEU A 93 7.71 -9.34 6.00
CA LEU A 93 6.84 -9.22 7.17
C LEU A 93 7.57 -9.30 8.50
N TYR A 94 6.89 -8.83 9.55
CA TYR A 94 7.45 -8.85 10.90
C TYR A 94 7.89 -10.27 11.25
N ASN A 95 9.11 -10.40 11.77
CA ASN A 95 9.67 -11.68 12.17
C ASN A 95 9.84 -12.71 11.05
N SER A 96 9.81 -12.26 9.81
CA SER A 96 9.97 -13.17 8.67
C SER A 96 11.45 -13.41 8.36
N HIS A 97 12.28 -12.46 8.77
CA HIS A 97 13.72 -12.51 8.52
C HIS A 97 13.99 -12.50 7.01
N VAL A 98 13.02 -11.99 6.26
CA VAL A 98 13.15 -11.91 4.81
C VAL A 98 13.64 -10.53 4.37
N GLY A 99 14.71 -10.51 3.59
CA GLY A 99 15.24 -9.25 3.08
C GLY A 99 16.12 -8.45 4.04
N CYS A 100 16.60 -7.32 3.53
CA CYS A 100 17.46 -6.43 4.28
C CYS A 100 16.84 -5.88 5.57
N ARG A 101 15.66 -5.29 5.46
CA ARG A 101 14.99 -4.72 6.63
C ARG A 101 13.52 -5.10 6.77
N PRO A 102 13.24 -6.24 7.42
CA PRO A 102 11.86 -6.69 7.63
C PRO A 102 11.15 -5.69 8.54
N TYR A 103 9.82 -5.67 8.49
CA TYR A 103 9.04 -4.76 9.31
C TYR A 103 9.26 -5.06 10.79
N SER A 104 9.50 -4.00 11.59
CA SER A 104 9.76 -4.18 13.01
C SER A 104 8.58 -4.01 13.95
N ILE A 105 7.41 -3.67 13.39
CA ILE A 105 6.22 -3.47 14.21
C ILE A 105 5.32 -4.69 14.09
N PRO A 106 5.01 -5.33 15.24
CA PRO A 106 4.16 -6.54 15.31
C PRO A 106 2.77 -6.40 14.71
N PRO A 107 2.26 -7.48 14.12
CA PRO A 107 0.92 -7.47 13.52
C PRO A 107 -0.10 -7.43 14.66
N CYS A 108 -1.29 -6.91 14.40
CA CYS A 108 -2.31 -6.81 15.45
C CYS A 108 -3.71 -6.89 14.86
N GLU A 109 -4.73 -6.99 15.72
CA GLU A 109 -6.10 -7.07 15.26
C GLU A 109 -6.68 -5.69 15.00
N HIS A 110 -7.03 -5.42 13.75
CA HIS A 110 -7.59 -4.13 13.36
C HIS A 110 -9.13 -4.17 13.34
N HIS A 111 -9.73 -3.71 14.43
CA HIS A 111 -11.18 -3.66 14.55
C HIS A 111 -11.89 -4.99 14.31
N VAL A 112 -11.23 -6.08 14.70
CA VAL A 112 -11.78 -7.42 14.57
C VAL A 112 -11.20 -8.24 15.72
N ASN A 113 -11.82 -9.37 16.03
CA ASN A 113 -11.31 -10.23 17.08
C ASN A 113 -10.42 -11.27 16.42
N GLY A 114 -9.37 -11.68 17.13
CA GLY A 114 -8.46 -12.68 16.60
C GLY A 114 -7.50 -13.15 17.65
N SER A 115 -6.47 -13.88 17.22
CA SER A 115 -5.47 -14.41 18.14
C SER A 115 -4.33 -13.43 18.43
N ARG A 116 -4.21 -12.39 17.60
CA ARG A 116 -3.16 -11.39 17.81
C ARG A 116 -3.63 -10.32 18.79
N PRO A 117 -2.68 -9.52 19.33
CA PRO A 117 -3.07 -8.47 20.27
C PRO A 117 -3.86 -7.39 19.52
N PRO A 118 -4.81 -6.73 20.19
CA PRO A 118 -5.56 -5.70 19.49
C PRO A 118 -4.64 -4.51 19.19
N CYS A 119 -4.81 -3.89 18.02
CA CYS A 119 -3.99 -2.75 17.66
C CYS A 119 -4.25 -1.61 18.63
N THR A 120 -3.20 -0.86 18.96
CA THR A 120 -3.29 0.26 19.87
C THR A 120 -2.63 1.47 19.25
N GLY A 121 -3.39 2.21 18.44
CA GLY A 121 -2.89 3.39 17.75
C GLY A 121 -1.52 3.92 18.11
N GLU A 122 -1.25 4.12 19.40
CA GLU A 122 0.03 4.62 19.86
C GLU A 122 1.21 3.81 19.34
N GLY A 123 1.90 4.35 18.34
CA GLY A 123 3.06 3.68 17.77
C GLY A 123 4.16 4.67 17.46
N ASP A 124 5.39 4.35 17.87
CA ASP A 124 6.51 5.26 17.61
C ASP A 124 7.27 4.86 16.35
N THR A 125 7.65 5.85 15.56
CA THR A 125 8.37 5.58 14.34
C THR A 125 9.71 4.93 14.70
N PRO A 126 10.01 3.78 14.10
CA PRO A 126 11.28 3.10 14.40
C PRO A 126 12.45 3.91 13.85
N LYS A 127 13.66 3.62 14.32
CA LYS A 127 14.84 4.31 13.86
C LYS A 127 15.18 4.00 12.42
N CYS A 128 15.84 4.94 11.75
CA CYS A 128 16.29 4.76 10.38
C CYS A 128 17.69 4.15 10.53
N SER A 129 17.79 2.83 10.35
CA SER A 129 19.06 2.14 10.45
C SER A 129 19.46 1.69 9.06
N LYS A 130 20.54 2.25 8.54
CA LYS A 130 21.01 1.90 7.21
C LYS A 130 21.89 0.67 7.21
N THR A 131 21.34 -0.42 7.75
CA THR A 131 22.03 -1.69 7.84
C THR A 131 21.00 -2.79 7.59
N CYS A 132 21.47 -3.97 7.19
CA CYS A 132 20.57 -5.08 6.95
C CYS A 132 20.61 -6.05 8.11
N GLU A 133 19.58 -6.90 8.22
CA GLU A 133 19.53 -7.88 9.28
C GLU A 133 20.78 -8.76 9.19
N PRO A 134 21.17 -9.39 10.30
CA PRO A 134 22.36 -10.23 10.24
C PRO A 134 22.18 -11.42 9.30
N GLY A 135 23.22 -11.74 8.54
CA GLY A 135 23.16 -12.86 7.62
C GLY A 135 22.71 -12.50 6.22
N TYR A 136 22.10 -11.34 6.05
CA TYR A 136 21.63 -10.91 4.73
C TYR A 136 22.69 -10.24 3.87
N SER A 137 22.67 -10.54 2.58
CA SER A 137 23.59 -9.96 1.60
C SER A 137 22.71 -9.54 0.42
N PRO A 138 23.10 -8.47 -0.30
CA PRO A 138 24.28 -7.63 -0.07
C PRO A 138 24.10 -6.61 1.05
N SER A 139 24.94 -5.59 1.03
CA SER A 139 24.88 -4.53 2.04
C SER A 139 23.64 -3.67 1.81
N TYR A 140 23.34 -2.82 2.79
CA TYR A 140 22.19 -1.92 2.72
C TYR A 140 22.25 -1.10 1.42
N LYS A 141 23.37 -0.42 1.19
CA LYS A 141 23.53 0.40 0.00
C LYS A 141 23.31 -0.40 -1.29
N GLU A 142 23.89 -1.59 -1.34
CA GLU A 142 23.77 -2.45 -2.51
C GLU A 142 22.38 -3.06 -2.71
N ASP A 143 21.57 -3.07 -1.67
CA ASP A 143 20.24 -3.66 -1.76
C ASP A 143 19.16 -2.66 -2.15
N LYS A 144 19.56 -1.43 -2.45
CA LYS A 144 18.62 -0.39 -2.84
C LYS A 144 18.05 -0.57 -4.24
N HIS A 145 16.73 -0.41 -4.37
CA HIS A 145 16.05 -0.50 -5.65
C HIS A 145 15.48 0.89 -5.92
N PHE A 146 15.86 1.48 -7.05
CA PHE A 146 15.40 2.83 -7.39
C PHE A 146 14.28 2.93 -8.39
N GLY A 147 13.47 3.97 -8.23
CA GLY A 147 12.39 4.24 -9.16
C GLY A 147 12.97 5.30 -10.07
N CYS A 148 12.52 5.35 -11.32
CA CYS A 148 13.04 6.35 -12.24
C CYS A 148 12.03 7.44 -12.58
N SER A 149 10.88 7.39 -11.91
CA SER A 149 9.85 8.40 -12.10
C SER A 149 8.84 8.30 -10.96
N SER A 150 8.30 9.46 -10.58
CA SER A 150 7.32 9.57 -9.52
C SER A 150 6.30 10.59 -10.02
N TYR A 151 5.04 10.18 -10.17
CA TYR A 151 4.02 11.09 -10.67
C TYR A 151 2.65 10.93 -10.03
N SER A 152 1.76 11.86 -10.33
CA SER A 152 0.41 11.86 -9.80
C SER A 152 -0.59 11.72 -10.94
N VAL A 153 -1.54 10.80 -10.79
CA VAL A 153 -2.54 10.58 -11.81
C VAL A 153 -3.72 11.50 -11.50
N ALA A 154 -4.31 12.08 -12.53
CA ALA A 154 -5.42 13.01 -12.36
C ALA A 154 -6.66 12.36 -11.74
N ASN A 155 -7.51 13.19 -11.16
CA ASN A 155 -8.76 12.74 -10.53
C ASN A 155 -9.68 12.47 -11.72
N ASN A 156 -9.38 11.39 -12.44
CA ASN A 156 -10.15 11.03 -13.61
C ASN A 156 -10.25 9.51 -13.68
N GLU A 157 -11.46 9.00 -13.47
CA GLU A 157 -11.73 7.57 -13.46
C GLU A 157 -11.04 6.81 -14.60
N LYS A 158 -11.26 7.27 -15.82
CA LYS A 158 -10.67 6.63 -16.99
C LYS A 158 -9.15 6.63 -16.99
N GLU A 159 -8.54 7.75 -16.65
CA GLU A 159 -7.09 7.82 -16.64
C GLU A 159 -6.50 6.93 -15.55
N ILE A 160 -7.19 6.81 -14.43
CA ILE A 160 -6.73 5.96 -13.33
C ILE A 160 -6.79 4.50 -13.77
N MET A 161 -7.91 4.12 -14.40
CA MET A 161 -8.08 2.76 -14.88
C MET A 161 -7.00 2.45 -15.93
N ALA A 162 -6.74 3.41 -16.81
CA ALA A 162 -5.74 3.23 -17.86
C ALA A 162 -4.34 3.04 -17.28
N GLU A 163 -4.03 3.77 -16.22
CA GLU A 163 -2.72 3.68 -15.57
C GLU A 163 -2.52 2.29 -14.95
N ILE A 164 -3.54 1.80 -14.25
CA ILE A 164 -3.50 0.49 -13.63
C ILE A 164 -3.40 -0.59 -14.70
N TYR A 165 -4.23 -0.46 -15.73
CA TYR A 165 -4.28 -1.42 -16.83
C TYR A 165 -2.94 -1.59 -17.52
N LYS A 166 -2.22 -0.49 -17.69
CA LYS A 166 -0.93 -0.51 -18.36
C LYS A 166 0.28 -0.74 -17.47
N ASN A 167 0.34 -0.01 -16.36
CA ASN A 167 1.51 -0.07 -15.47
C ASN A 167 1.37 -0.78 -14.12
N GLY A 168 0.17 -1.26 -13.78
CA GLY A 168 0.03 -1.96 -12.52
C GLY A 168 -0.63 -1.16 -11.40
N PRO A 169 -0.77 -1.77 -10.21
CA PRO A 169 -1.39 -1.12 -9.05
C PRO A 169 -0.79 0.24 -8.72
N VAL A 170 -1.64 1.12 -8.20
CA VAL A 170 -1.22 2.46 -7.83
C VAL A 170 -1.57 2.68 -6.36
N GLU A 171 -1.11 3.79 -5.80
CA GLU A 171 -1.42 4.10 -4.42
C GLU A 171 -2.45 5.22 -4.43
N GLY A 172 -3.39 5.16 -3.51
CA GLY A 172 -4.42 6.18 -3.43
C GLY A 172 -4.74 6.47 -1.99
N ALA A 173 -5.70 7.35 -1.74
CA ALA A 173 -6.09 7.69 -0.39
C ALA A 173 -7.53 8.15 -0.34
N PHE A 174 -8.18 7.91 0.79
CA PHE A 174 -9.57 8.33 0.95
C PHE A 174 -9.88 8.63 2.41
N SER A 175 -10.99 9.32 2.63
CA SER A 175 -11.42 9.66 3.99
C SER A 175 -12.04 8.45 4.65
N VAL A 176 -11.52 8.07 5.81
CA VAL A 176 -12.08 6.94 6.52
C VAL A 176 -13.05 7.42 7.59
N TYR A 177 -14.29 6.93 7.51
CA TYR A 177 -15.31 7.24 8.48
C TYR A 177 -15.51 5.94 9.24
N SER A 178 -16.01 6.01 10.47
CA SER A 178 -16.16 4.80 11.29
C SER A 178 -16.91 3.62 10.67
N ASP A 179 -17.88 3.87 9.80
CA ASP A 179 -18.59 2.73 9.23
C ASP A 179 -17.71 1.86 8.33
N PHE A 180 -16.60 2.42 7.87
CA PHE A 180 -15.68 1.67 7.04
C PHE A 180 -14.93 0.61 7.85
N LEU A 181 -14.69 0.92 9.12
CA LEU A 181 -13.95 0.01 9.99
C LEU A 181 -14.53 -1.39 10.08
N LEU A 182 -15.85 -1.51 9.97
CA LEU A 182 -16.54 -2.79 10.06
C LEU A 182 -16.80 -3.48 8.73
N TYR A 183 -16.22 -2.95 7.66
CA TYR A 183 -16.41 -3.54 6.33
C TYR A 183 -16.13 -5.04 6.28
N LYS A 184 -16.98 -5.78 5.58
CA LYS A 184 -16.81 -7.21 5.43
C LYS A 184 -16.91 -7.64 3.97
N SER A 185 -17.85 -7.04 3.23
CA SER A 185 -18.04 -7.40 1.82
C SER A 185 -18.88 -6.38 1.07
N GLY A 186 -19.04 -6.62 -0.23
CA GLY A 186 -19.83 -5.72 -1.06
C GLY A 186 -19.06 -4.46 -1.42
N VAL A 187 -19.75 -3.50 -2.03
CA VAL A 187 -19.12 -2.25 -2.42
C VAL A 187 -19.39 -1.21 -1.33
N TYR A 188 -18.33 -0.75 -0.68
CA TYR A 188 -18.46 0.22 0.39
C TYR A 188 -18.87 1.62 -0.06
N GLN A 189 -19.84 2.18 0.66
CA GLN A 189 -20.32 3.54 0.43
C GLN A 189 -20.54 4.10 1.84
N HIS A 190 -19.97 5.27 2.09
CA HIS A 190 -20.07 5.92 3.40
C HIS A 190 -21.47 6.45 3.68
N VAL A 191 -22.06 6.01 4.79
CA VAL A 191 -23.40 6.47 5.15
C VAL A 191 -23.44 7.02 6.57
N SER A 192 -22.54 6.56 7.43
CA SER A 192 -22.53 7.05 8.81
C SER A 192 -21.17 6.93 9.48
N GLY A 193 -21.01 7.61 10.62
CA GLY A 193 -19.76 7.53 11.36
C GLY A 193 -18.87 8.76 11.28
N GLU A 194 -18.15 9.02 12.37
CA GLU A 194 -17.26 10.18 12.44
C GLU A 194 -16.05 10.01 11.54
N ILE A 195 -15.49 11.12 11.08
CA ILE A 195 -14.32 11.13 10.24
C ILE A 195 -13.14 10.66 11.08
N MET A 196 -12.38 9.68 10.57
CA MET A 196 -11.23 9.12 11.27
C MET A 196 -9.95 9.76 10.72
N GLY A 197 -10.00 10.21 9.48
CA GLY A 197 -8.85 10.82 8.85
C GLY A 197 -8.55 10.20 7.50
N GLY A 198 -7.46 10.64 6.87
CA GLY A 198 -7.08 10.11 5.58
C GLY A 198 -6.35 8.80 5.70
N HIS A 199 -6.59 7.89 4.75
CA HIS A 199 -5.95 6.58 4.78
C HIS A 199 -5.45 6.21 3.38
N ALA A 200 -4.17 5.88 3.28
CA ALA A 200 -3.57 5.51 2.00
C ALA A 200 -3.66 3.99 1.79
N ILE A 201 -3.97 3.60 0.57
CA ILE A 201 -4.14 2.19 0.23
C ILE A 201 -3.63 1.86 -1.16
N ARG A 202 -3.75 0.59 -1.55
CA ARG A 202 -3.30 0.15 -2.88
C ARG A 202 -4.49 -0.26 -3.73
N ILE A 203 -4.67 0.40 -4.87
CA ILE A 203 -5.77 0.09 -5.78
C ILE A 203 -5.19 -0.80 -6.88
N LEU A 204 -5.73 -2.01 -7.00
CA LEU A 204 -5.22 -2.97 -7.98
C LEU A 204 -6.21 -3.45 -9.04
N GLY A 205 -7.33 -2.75 -9.17
CA GLY A 205 -8.30 -3.17 -10.17
C GLY A 205 -9.66 -2.53 -10.00
N TRP A 206 -10.63 -3.01 -10.75
CA TRP A 206 -11.98 -2.47 -10.70
C TRP A 206 -12.97 -3.50 -11.22
N GLY A 207 -14.25 -3.23 -10.99
CA GLY A 207 -15.28 -4.13 -11.45
C GLY A 207 -16.65 -3.55 -11.19
N VAL A 208 -17.68 -4.37 -11.33
CA VAL A 208 -19.04 -3.94 -11.09
C VAL A 208 -19.74 -5.05 -10.31
N GLU A 209 -20.34 -4.69 -9.18
CA GLU A 209 -21.05 -5.66 -8.36
C GLU A 209 -22.48 -5.19 -8.17
N ASN A 210 -23.43 -5.98 -8.69
CA ASN A 210 -24.84 -5.65 -8.60
C ASN A 210 -25.12 -4.28 -9.21
N GLY A 211 -24.48 -4.01 -10.34
CA GLY A 211 -24.68 -2.73 -11.02
C GLY A 211 -23.93 -1.56 -10.42
N THR A 212 -23.16 -1.82 -9.37
CA THR A 212 -22.39 -0.77 -8.71
C THR A 212 -20.91 -0.85 -9.08
N PRO A 213 -20.38 0.18 -9.77
CA PRO A 213 -18.97 0.19 -10.16
C PRO A 213 -18.09 0.35 -8.92
N TYR A 214 -16.96 -0.35 -8.89
CA TYR A 214 -16.09 -0.27 -7.72
C TYR A 214 -14.61 -0.39 -8.06
N TRP A 215 -13.79 -0.03 -7.08
CA TRP A 215 -12.35 -0.15 -7.18
C TRP A 215 -11.98 -1.32 -6.28
N LEU A 216 -11.05 -2.16 -6.73
CA LEU A 216 -10.58 -3.30 -5.93
C LEU A 216 -9.40 -2.77 -5.14
N VAL A 217 -9.50 -2.80 -3.81
CA VAL A 217 -8.45 -2.24 -2.98
C VAL A 217 -7.85 -3.19 -1.94
N GLY A 218 -6.54 -3.07 -1.74
CA GLY A 218 -5.86 -3.89 -0.75
C GLY A 218 -5.55 -3.02 0.45
N ASN A 219 -6.09 -3.37 1.61
CA ASN A 219 -5.84 -2.61 2.84
C ASN A 219 -4.58 -3.20 3.48
N SER A 220 -4.05 -2.51 4.49
CA SER A 220 -2.86 -2.96 5.18
C SER A 220 -3.17 -3.33 6.64
N TRP A 221 -4.31 -3.96 6.85
CA TRP A 221 -4.73 -4.34 8.20
C TRP A 221 -4.83 -5.86 8.39
N ASN A 222 -3.94 -6.59 7.72
CA ASN A 222 -3.89 -8.05 7.78
C ASN A 222 -5.05 -8.70 7.03
N THR A 223 -5.04 -10.02 6.98
CA THR A 223 -6.06 -10.75 6.24
C THR A 223 -7.38 -11.04 6.97
N ASP A 224 -7.43 -10.88 8.28
CA ASP A 224 -8.69 -11.15 8.97
C ASP A 224 -9.61 -9.93 9.05
N TRP A 225 -9.19 -8.83 8.43
CA TRP A 225 -10.02 -7.63 8.37
C TRP A 225 -10.64 -7.58 6.97
N GLY A 226 -11.88 -7.09 6.89
CA GLY A 226 -12.54 -6.99 5.61
C GLY A 226 -12.71 -8.29 4.84
N ASP A 227 -12.53 -8.23 3.53
CA ASP A 227 -12.66 -9.41 2.67
C ASP A 227 -11.27 -9.99 2.39
N ASN A 228 -10.76 -10.75 3.35
CA ASN A 228 -9.43 -11.36 3.22
C ASN A 228 -8.38 -10.26 3.11
N GLY A 229 -8.63 -9.13 3.73
CA GLY A 229 -7.68 -8.02 3.69
C GLY A 229 -7.98 -6.97 2.62
N PHE A 230 -8.83 -7.34 1.66
CA PHE A 230 -9.20 -6.42 0.58
C PHE A 230 -10.60 -5.83 0.81
N PHE A 231 -10.95 -4.84 -0.01
CA PHE A 231 -12.27 -4.25 0.05
C PHE A 231 -12.57 -3.59 -1.29
N LYS A 232 -13.84 -3.34 -1.53
CA LYS A 232 -14.28 -2.70 -2.75
C LYS A 232 -14.92 -1.39 -2.31
N ILE A 233 -14.68 -0.33 -3.07
CA ILE A 233 -15.26 0.97 -2.76
C ILE A 233 -15.85 1.58 -4.02
N LEU A 234 -16.94 2.32 -3.87
CA LEU A 234 -17.63 2.97 -4.98
C LEU A 234 -16.67 3.71 -5.90
N ARG A 235 -16.80 3.45 -7.20
CA ARG A 235 -15.95 4.08 -8.23
C ARG A 235 -16.74 5.01 -9.14
N GLY A 236 -16.08 6.08 -9.59
CA GLY A 236 -16.73 7.01 -10.51
C GLY A 236 -17.26 8.32 -9.95
N GLN A 237 -17.37 8.43 -8.63
CA GLN A 237 -17.89 9.65 -8.02
C GLN A 237 -16.92 10.25 -7.01
N ASP A 238 -15.65 9.87 -7.13
CA ASP A 238 -14.61 10.34 -6.20
C ASP A 238 -15.13 10.21 -4.78
N HIS A 239 -15.77 9.08 -4.50
CA HIS A 239 -16.33 8.82 -3.19
C HIS A 239 -15.28 8.82 -2.09
N CYS A 240 -15.49 9.65 -1.07
CA CYS A 240 -14.55 9.79 0.04
C CYS A 240 -13.18 10.24 -0.48
N GLY A 241 -13.16 10.75 -1.71
CA GLY A 241 -11.92 11.22 -2.33
C GLY A 241 -11.00 10.12 -2.83
N ILE A 242 -11.56 8.92 -3.03
CA ILE A 242 -10.78 7.78 -3.50
C ILE A 242 -10.05 8.02 -4.83
N GLU A 243 -10.57 8.92 -5.65
CA GLU A 243 -9.96 9.23 -6.94
C GLU A 243 -9.19 10.55 -6.94
N SER A 244 -9.09 11.19 -5.77
CA SER A 244 -8.44 12.50 -5.69
C SER A 244 -6.93 12.58 -5.45
N GLU A 245 -6.32 11.49 -5.01
CA GLU A 245 -4.90 11.55 -4.71
C GLU A 245 -4.13 10.31 -5.17
N ILE A 246 -4.32 9.92 -6.43
CA ILE A 246 -3.64 8.75 -6.96
C ILE A 246 -2.19 9.07 -7.34
N VAL A 247 -1.26 8.21 -6.94
CA VAL A 247 0.16 8.41 -7.24
C VAL A 247 0.80 7.10 -7.66
N ALA A 248 1.84 7.20 -8.47
CA ALA A 248 2.55 6.02 -8.95
C ALA A 248 3.93 6.41 -9.46
N GLY A 249 4.57 5.47 -10.14
CA GLY A 249 5.90 5.72 -10.68
C GLY A 249 6.41 4.46 -11.35
N MET A 250 7.53 4.59 -12.06
CA MET A 250 8.10 3.45 -12.77
C MET A 250 9.50 3.13 -12.28
N PRO A 251 9.82 1.84 -12.15
CA PRO A 251 11.16 1.45 -11.69
C PRO A 251 12.21 1.76 -12.75
N CYS A 252 13.46 1.90 -12.32
CA CYS A 252 14.54 2.18 -13.25
C CYS A 252 14.84 0.95 -14.10
N THR A 253 15.26 1.18 -15.33
CA THR A 253 15.60 0.13 -16.29
C THR A 253 14.52 -0.96 -16.32
P PO4 B . -8.47 -7.50 -20.55
O1 PO4 B . -7.41 -6.94 -21.45
O2 PO4 B . -9.79 -7.35 -21.22
O3 PO4 B . -8.20 -8.93 -20.28
O4 PO4 B . -8.46 -6.73 -19.27
C14 77B C . -1.58 18.00 3.49
C13 77B C . -2.39 17.62 2.36
C12 77B C . -3.56 16.79 2.56
C11 77B C . -3.93 16.37 3.88
C10 77B C . -3.13 16.75 5.01
C15 77B C . -1.94 17.57 4.81
C20 77B C . -2.67 3.20 13.42
C19 77B C . -3.31 3.05 12.13
C18 77B C . -3.83 4.20 11.43
C17 77B C . -4.52 4.06 10.06
N3 77B C . -4.23 5.14 9.08
C16 77B C . -3.04 5.37 8.48
C2 77B C . -2.97 6.58 7.52
O1 77B C . -2.75 8.20 9.22
C3 77B C . -2.02 7.61 8.13
C4 77B C . -1.54 8.69 7.14
O4 77B C . -0.55 8.53 6.43
O2 77B C . -2.03 4.69 8.69
C23 77B C . -3.69 5.52 12.04
C22 77B C . -3.04 5.67 13.32
C21 77B C . -2.54 4.51 14.00
N1 77B C . -2.29 9.81 7.15
C5 77B C . -2.08 10.93 6.37
C6 77B C . -2.26 12.14 7.41
O5 77B C . -3.34 12.17 7.99
C24 77B C . -3.03 11.16 5.10
C26 77B C . -2.88 9.98 4.06
C25 77B C . -2.66 12.48 4.32
C27 77B C . -3.74 10.04 2.80
N2 77B C . -1.29 13.12 7.72
C7 77B C . -1.46 14.28 8.72
C8 77B C . -2.43 15.16 8.35
O7 77B C . -2.53 15.37 6.97
C9 77B C . -3.51 16.29 6.41
O6 77B C . -3.14 15.70 9.22
C30 77B C . 0.02 14.74 8.89
C29 77B C . 0.79 14.32 7.63
C28 77B C . 0.05 13.14 7.05
C1 GOL D . -10.52 -11.01 -1.65
O1 GOL D . -10.35 -12.24 -1.43
C2 GOL D . -11.46 -10.76 -2.85
O2 GOL D . -10.91 -11.31 -4.02
C3 GOL D . -11.70 -9.28 -3.16
O3 GOL D . -12.59 -9.20 -4.27
#